data_2F5J
#
_entry.id   2F5J
#
_cell.length_a   111.151
_cell.length_b   111.151
_cell.length_c   86.991
_cell.angle_alpha   90.00
_cell.angle_beta   90.00
_cell.angle_gamma   120.00
#
_symmetry.space_group_name_H-M   'H 3'
#
loop_
_entity.id
_entity.type
_entity.pdbx_description
1 polymer 'Mortality factor 4-like protein 1'
2 water water
#
_entity_poly.entity_id   1
_entity_poly.type   'polypeptide(L)'
_entity_poly.pdbx_seq_one_letter_code
;MNRVEVKVKIPEELKPWLVDDWDLITRQKQLFYLPAKKNVDSILEDYANYKKSRGNTDNKEYAVNEVVAGIKEYFNVMLG
TQLLYKFERPQYAEILADHPDAPMSQVYGAPHLLRLFVRIGAMLAYTPLDEKSLALLLNYLHDFLKYLAKNSATLFSASD
YEVAPPEYHRKAVLEHHHHHH
;
_entity_poly.pdbx_strand_id   A,B
#
# COMPACT_ATOMS: atom_id res chain seq x y z
N VAL A 6 -2.92 -11.61 13.87
CA VAL A 6 -1.50 -11.75 13.39
C VAL A 6 -0.54 -10.92 14.29
N LYS A 7 0.03 -11.61 15.29
CA LYS A 7 0.94 -11.01 16.24
C LYS A 7 2.37 -11.31 15.79
N VAL A 8 3.03 -10.29 15.28
CA VAL A 8 4.41 -10.36 14.87
C VAL A 8 5.27 -9.86 16.04
N LYS A 9 6.12 -10.76 16.57
CA LYS A 9 7.04 -10.40 17.65
C LYS A 9 8.35 -9.94 17.02
N ILE A 10 8.72 -8.70 17.27
CA ILE A 10 10.04 -8.20 16.92
C ILE A 10 11.07 -8.71 17.99
N PRO A 11 12.22 -9.24 17.55
CA PRO A 11 13.26 -9.68 18.49
C PRO A 11 13.63 -8.53 19.44
N GLU A 12 13.72 -8.89 20.72
CA GLU A 12 14.06 -7.98 21.81
C GLU A 12 15.26 -7.15 21.44
N GLU A 13 16.24 -7.83 20.86
CA GLU A 13 17.43 -7.23 20.39
C GLU A 13 17.16 -5.95 19.56
N LEU A 14 16.08 -5.93 18.76
CA LEU A 14 15.79 -4.79 17.84
C LEU A 14 14.91 -3.63 18.40
N LYS A 15 14.35 -3.82 19.58
CA LYS A 15 13.46 -2.80 20.14
C LYS A 15 14.20 -1.54 20.47
N PRO A 16 15.42 -1.60 21.06
CA PRO A 16 16.12 -0.33 21.31
C PRO A 16 16.33 0.46 20.00
N TRP A 17 16.80 -0.21 18.94
CA TRP A 17 16.86 0.48 17.61
C TRP A 17 15.52 1.17 17.18
N LEU A 18 14.43 0.43 17.32
CA LEU A 18 13.15 1.05 17.04
C LEU A 18 12.97 2.42 17.72
N VAL A 19 13.35 2.51 19.00
CA VAL A 19 13.28 3.76 19.77
C VAL A 19 14.30 4.78 19.21
N ASP A 20 15.52 4.30 18.96
CA ASP A 20 16.56 5.16 18.39
C ASP A 20 16.11 5.71 17.07
N ASP A 21 15.61 4.83 16.21
CA ASP A 21 15.06 5.24 14.93
C ASP A 21 14.04 6.37 15.14
N TRP A 22 13.06 6.12 16.00
CA TRP A 22 12.02 7.12 16.32
C TRP A 22 12.64 8.38 16.91
N ASP A 23 13.63 8.22 17.78
CA ASP A 23 14.36 9.36 18.32
C ASP A 23 15.05 10.19 17.24
N LEU A 24 15.85 9.52 16.41
CA LEU A 24 16.61 10.22 15.34
C LEU A 24 15.74 11.12 14.45
N ILE A 25 14.59 10.57 14.00
CA ILE A 25 13.64 11.30 13.18
C ILE A 25 12.86 12.40 13.95
N THR A 26 12.16 11.99 14.99
CA THR A 26 11.13 12.79 15.68
C THR A 26 11.67 13.79 16.73
N ARG A 27 12.81 13.49 17.34
CA ARG A 27 13.42 14.38 18.31
C ARG A 27 14.65 15.12 17.79
N GLN A 28 15.57 14.35 17.20
CA GLN A 28 16.83 14.86 16.69
C GLN A 28 16.66 15.49 15.29
N LYS A 29 15.49 15.29 14.69
CA LYS A 29 15.16 15.83 13.37
C LYS A 29 16.19 15.43 12.31
N GLN A 30 16.68 14.20 12.39
CA GLN A 30 17.54 13.65 11.33
C GLN A 30 16.64 12.92 10.32
N LEU A 31 17.20 12.55 9.18
CA LEU A 31 16.44 11.77 8.19
C LEU A 31 17.37 10.63 7.81
N PHE A 32 16.80 9.48 7.46
CA PHE A 32 17.64 8.40 6.94
C PHE A 32 18.21 8.85 5.59
N TYR A 33 19.51 8.70 5.37
CA TYR A 33 20.15 9.07 4.08
C TYR A 33 19.56 8.35 2.86
N LEU A 34 18.93 9.10 1.96
CA LEU A 34 18.31 8.48 0.78
C LEU A 34 18.96 8.99 -0.51
N PRO A 35 19.05 8.14 -1.53
CA PRO A 35 18.60 6.73 -1.49
C PRO A 35 19.55 5.82 -0.69
N ALA A 36 19.00 4.71 -0.18
CA ALA A 36 19.76 3.85 0.71
C ALA A 36 20.94 3.18 0.01
N LYS A 37 22.10 3.29 0.67
CA LYS A 37 23.29 2.56 0.27
C LYS A 37 23.05 1.05 0.28
N LYS A 38 22.04 0.62 1.03
CA LYS A 38 21.64 -0.77 1.05
C LYS A 38 20.12 -0.85 1.17
N ASN A 39 19.45 -1.05 0.02
CA ASN A 39 17.99 -0.96 -0.06
C ASN A 39 17.24 -2.25 0.29
N VAL A 40 15.93 -2.14 0.35
CA VAL A 40 15.07 -3.26 0.74
C VAL A 40 15.25 -4.43 -0.23
N ASP A 41 15.37 -4.10 -1.53
CA ASP A 41 15.53 -5.13 -2.55
C ASP A 41 16.80 -5.94 -2.29
N SER A 42 17.93 -5.28 -2.06
CA SER A 42 19.12 -6.05 -1.86
C SER A 42 18.98 -6.85 -0.56
N ILE A 43 18.38 -6.26 0.49
CA ILE A 43 18.27 -6.99 1.77
C ILE A 43 17.44 -8.27 1.58
N LEU A 44 16.30 -8.10 0.90
CA LEU A 44 15.46 -9.19 0.49
C LEU A 44 16.22 -10.23 -0.34
N GLU A 45 17.07 -9.77 -1.26
CA GLU A 45 17.91 -10.65 -2.06
C GLU A 45 18.94 -11.40 -1.21
N ASP A 46 19.64 -10.67 -0.33
CA ASP A 46 20.56 -11.22 0.68
C ASP A 46 19.93 -12.36 1.49
N TYR A 47 18.73 -12.14 1.95
CA TYR A 47 18.02 -13.10 2.75
C TYR A 47 17.68 -14.39 1.97
N ALA A 48 17.18 -14.21 0.74
CA ALA A 48 16.81 -15.34 -0.13
C ALA A 48 18.00 -16.21 -0.45
N ASN A 49 19.15 -15.60 -0.71
CA ASN A 49 20.37 -16.36 -0.97
C ASN A 49 20.75 -17.12 0.27
N TYR A 50 20.68 -16.44 1.43
CA TYR A 50 21.04 -17.02 2.70
C TYR A 50 20.19 -18.27 3.00
N LYS A 51 18.91 -18.21 2.62
CA LYS A 51 17.98 -19.33 2.84
C LYS A 51 18.18 -20.50 1.88
N LYS A 52 18.40 -20.21 0.59
CA LYS A 52 18.44 -21.24 -0.47
C LYS A 52 19.68 -22.13 -0.36
N SER A 53 20.84 -21.56 -0.65
CA SER A 53 22.14 -22.23 -0.46
C SER A 53 22.26 -23.62 -1.11
N TYR A 62 9.89 -22.47 -2.36
CA TYR A 62 8.66 -21.84 -2.81
C TYR A 62 8.14 -20.83 -1.78
N ALA A 63 8.16 -21.22 -0.50
CA ALA A 63 7.66 -20.39 0.61
C ALA A 63 8.56 -19.18 0.84
N VAL A 64 9.88 -19.39 0.84
CA VAL A 64 10.85 -18.30 0.93
C VAL A 64 10.61 -17.26 -0.18
N ASN A 65 10.39 -17.73 -1.41
CA ASN A 65 10.07 -16.86 -2.54
C ASN A 65 8.78 -16.08 -2.33
N GLU A 66 7.72 -16.77 -1.91
CA GLU A 66 6.46 -16.09 -1.64
C GLU A 66 6.63 -15.06 -0.50
N VAL A 67 7.22 -15.51 0.61
CA VAL A 67 7.53 -14.63 1.77
C VAL A 67 8.25 -13.36 1.33
N VAL A 68 9.36 -13.51 0.57
CA VAL A 68 10.15 -12.37 0.12
C VAL A 68 9.37 -11.44 -0.83
N ALA A 69 8.71 -12.00 -1.86
CA ALA A 69 7.85 -11.23 -2.74
C ALA A 69 6.79 -10.50 -1.95
N GLY A 70 6.16 -11.20 -1.01
CA GLY A 70 5.13 -10.62 -0.19
C GLY A 70 5.65 -9.47 0.66
N ILE A 71 6.83 -9.64 1.27
CA ILE A 71 7.51 -8.55 2.00
C ILE A 71 7.66 -7.32 1.11
N LYS A 72 8.25 -7.52 -0.07
CA LYS A 72 8.42 -6.39 -0.99
C LYS A 72 7.07 -5.71 -1.31
N GLU A 73 6.05 -6.48 -1.64
CA GLU A 73 4.75 -5.91 -2.06
C GLU A 73 4.15 -5.05 -0.96
N TYR A 74 4.19 -5.58 0.26
CA TYR A 74 3.66 -4.87 1.41
C TYR A 74 4.50 -3.65 1.70
N PHE A 75 5.80 -3.75 1.46
CA PHE A 75 6.64 -2.57 1.71
C PHE A 75 6.30 -1.44 0.78
N ASN A 76 6.14 -1.80 -0.48
CA ASN A 76 5.91 -0.80 -1.54
C ASN A 76 4.59 -0.10 -1.42
N VAL A 77 3.61 -0.85 -0.96
CA VAL A 77 2.27 -0.35 -0.76
C VAL A 77 2.16 0.46 0.54
N MET A 78 2.81 0.02 1.61
CA MET A 78 2.62 0.59 2.95
C MET A 78 3.52 1.76 3.25
N LEU A 79 4.68 1.81 2.62
CA LEU A 79 5.67 2.79 3.02
C LEU A 79 5.09 4.17 3.17
N GLY A 80 4.52 4.70 2.08
CA GLY A 80 4.17 6.11 2.02
C GLY A 80 2.99 6.54 2.88
N THR A 81 2.10 5.60 3.26
CA THR A 81 0.95 5.97 4.09
C THR A 81 1.00 5.40 5.51
N GLN A 82 1.82 4.38 5.74
CA GLN A 82 1.87 3.74 7.06
C GLN A 82 3.22 3.85 7.75
N LEU A 83 4.33 3.94 6.99
CA LEU A 83 5.65 3.72 7.59
C LEU A 83 6.49 4.94 7.85
N LEU A 84 5.92 6.11 7.70
CA LEU A 84 6.64 7.35 7.86
C LEU A 84 6.14 8.17 9.07
N TYR A 85 7.07 8.78 9.78
CA TYR A 85 6.74 9.80 10.76
C TYR A 85 6.53 11.07 9.98
N LYS A 86 5.62 11.90 10.50
CA LYS A 86 5.32 13.19 9.91
C LYS A 86 6.56 13.92 9.34
N PHE A 87 7.59 14.09 10.15
CA PHE A 87 8.79 14.78 9.75
C PHE A 87 9.47 14.27 8.45
N GLU A 88 9.11 13.04 8.05
CA GLU A 88 9.71 12.38 6.93
C GLU A 88 8.92 12.57 5.63
N ARG A 89 7.83 13.32 5.73
CA ARG A 89 6.87 13.38 4.65
C ARG A 89 7.43 14.13 3.45
N PRO A 90 8.04 15.30 3.70
CA PRO A 90 8.68 16.07 2.62
C PRO A 90 9.78 15.26 1.95
N GLN A 91 10.64 14.59 2.70
CA GLN A 91 11.68 13.76 2.07
C GLN A 91 11.00 12.74 1.12
N TYR A 92 9.90 12.13 1.57
CA TYR A 92 9.20 11.17 0.74
C TYR A 92 8.64 11.82 -0.55
N ALA A 93 8.05 13.02 -0.43
CA ALA A 93 7.63 13.80 -1.59
C ALA A 93 8.82 14.07 -2.54
N GLU A 94 9.97 14.48 -2.02
CA GLU A 94 11.14 14.58 -2.87
C GLU A 94 11.32 13.24 -3.57
N ILE A 95 11.40 12.15 -2.79
CA ILE A 95 11.66 10.81 -3.34
C ILE A 95 10.80 10.54 -4.56
N LEU A 96 9.49 10.76 -4.42
CA LEU A 96 8.51 10.62 -5.50
C LEU A 96 8.78 11.49 -6.75
N ALA A 97 9.68 12.47 -6.62
CA ALA A 97 10.10 13.34 -7.73
C ALA A 97 11.51 13.00 -8.23
N ASP A 98 12.46 12.89 -7.30
CA ASP A 98 13.83 12.50 -7.60
C ASP A 98 13.93 11.08 -8.14
N HIS A 99 12.88 10.26 -7.93
CA HIS A 99 12.91 8.86 -8.35
C HIS A 99 11.55 8.25 -8.73
N PRO A 100 10.85 8.80 -9.74
CA PRO A 100 9.53 8.28 -10.12
C PRO A 100 9.64 6.92 -10.79
N ASP A 101 8.60 6.10 -10.65
CA ASP A 101 8.60 4.72 -11.14
C ASP A 101 9.52 3.81 -10.32
N ALA A 102 10.33 4.41 -9.44
CA ALA A 102 11.18 3.64 -8.51
C ALA A 102 10.33 3.13 -7.38
N PRO A 103 10.17 1.81 -7.26
CA PRO A 103 9.41 1.27 -6.14
C PRO A 103 10.10 1.73 -4.86
N MET A 104 9.40 1.74 -3.73
CA MET A 104 9.99 2.26 -2.51
C MET A 104 11.11 1.32 -2.06
N SER A 105 10.90 0.04 -2.34
CA SER A 105 11.82 -1.01 -1.95
C SER A 105 13.19 -0.84 -2.61
N GLN A 106 13.26 0.01 -3.64
CA GLN A 106 14.53 0.32 -4.32
C GLN A 106 15.16 1.53 -3.69
N VAL A 107 14.37 2.33 -2.99
CA VAL A 107 14.92 3.58 -2.47
C VAL A 107 15.26 3.50 -0.97
N TYR A 108 14.34 2.93 -0.18
CA TYR A 108 14.47 2.90 1.26
C TYR A 108 15.28 1.68 1.72
N GLY A 109 15.84 1.74 2.94
CA GLY A 109 16.60 0.62 3.46
C GLY A 109 16.02 -0.05 4.71
N ALA A 110 16.96 -0.54 5.52
CA ALA A 110 16.65 -1.42 6.66
C ALA A 110 15.70 -0.83 7.71
N PRO A 111 15.94 0.40 8.17
CA PRO A 111 15.06 0.99 9.20
C PRO A 111 13.57 0.90 8.85
N HIS A 112 13.23 1.39 7.66
CA HIS A 112 11.84 1.38 7.23
C HIS A 112 11.32 -0.02 7.03
N LEU A 113 12.21 -0.90 6.56
CA LEU A 113 11.82 -2.28 6.36
C LEU A 113 11.41 -2.87 7.69
N LEU A 114 12.19 -2.57 8.72
CA LEU A 114 11.87 -2.96 10.07
C LEU A 114 10.56 -2.36 10.58
N ARG A 115 10.32 -1.08 10.34
CA ARG A 115 8.99 -0.49 10.67
C ARG A 115 7.81 -1.24 10.05
N LEU A 116 7.99 -1.87 8.87
CA LEU A 116 6.92 -2.64 8.23
C LEU A 116 6.39 -3.73 9.17
N PHE A 117 7.32 -4.38 9.92
CA PHE A 117 6.98 -5.59 10.66
C PHE A 117 6.18 -5.17 11.85
N VAL A 118 6.22 -3.88 12.10
CA VAL A 118 5.41 -3.28 13.15
C VAL A 118 3.95 -3.03 12.69
N ARG A 119 3.75 -2.95 11.38
CA ARG A 119 2.41 -2.67 10.78
C ARG A 119 1.73 -3.81 10.04
N ILE A 120 2.50 -4.73 9.46
CA ILE A 120 1.94 -5.73 8.54
C ILE A 120 0.97 -6.72 9.20
N GLY A 121 1.23 -7.06 10.46
CA GLY A 121 0.29 -7.88 11.22
C GLY A 121 -1.17 -7.44 11.07
N ALA A 122 -1.42 -6.13 11.17
CA ALA A 122 -2.76 -5.58 11.02
C ALA A 122 -3.33 -5.78 9.60
N MET A 123 -2.48 -5.58 8.59
CA MET A 123 -2.86 -5.78 7.21
C MET A 123 -3.14 -7.26 6.90
N LEU A 124 -2.25 -8.17 7.29
CA LEU A 124 -2.46 -9.58 6.95
C LEU A 124 -3.63 -10.15 7.72
N ALA A 125 -4.07 -9.45 8.75
CA ALA A 125 -5.26 -9.83 9.50
C ALA A 125 -6.53 -9.84 8.64
N TYR A 126 -6.41 -9.42 7.39
CA TYR A 126 -7.52 -9.36 6.46
C TYR A 126 -7.49 -10.52 5.43
N THR A 127 -6.29 -10.85 4.93
CA THR A 127 -6.15 -12.00 4.02
C THR A 127 -6.75 -13.31 4.56
N PRO A 128 -7.08 -14.24 3.67
CA PRO A 128 -7.66 -15.51 4.11
C PRO A 128 -6.56 -16.51 4.46
N LEU A 129 -6.51 -16.88 5.74
CA LEU A 129 -5.50 -17.83 6.20
C LEU A 129 -6.10 -18.74 7.23
N ASP A 130 -6.15 -20.02 6.88
CA ASP A 130 -6.42 -21.08 7.86
C ASP A 130 -5.36 -21.00 8.96
N GLU A 131 -5.49 -21.87 9.95
CA GLU A 131 -4.59 -21.86 11.09
C GLU A 131 -3.14 -22.22 10.68
N LYS A 132 -3.01 -23.08 9.68
CA LYS A 132 -1.70 -23.60 9.26
C LYS A 132 -0.89 -22.62 8.36
N SER A 133 -1.58 -22.04 7.36
CA SER A 133 -0.98 -21.13 6.37
C SER A 133 -0.50 -19.87 7.08
N LEU A 134 -1.37 -19.40 7.98
CA LEU A 134 -1.11 -18.26 8.85
C LEU A 134 0.11 -18.51 9.75
N ALA A 135 0.05 -19.53 10.59
CA ALA A 135 1.22 -19.91 11.38
C ALA A 135 2.47 -20.02 10.49
N LEU A 136 2.33 -20.60 9.31
CA LEU A 136 3.51 -20.78 8.44
C LEU A 136 4.10 -19.40 7.99
N LEU A 137 3.19 -18.47 7.76
CA LEU A 137 3.52 -17.10 7.42
C LEU A 137 4.20 -16.42 8.58
N LEU A 138 3.60 -16.54 9.76
CA LEU A 138 4.19 -15.90 10.94
C LEU A 138 5.59 -16.42 11.17
N ASN A 139 5.78 -17.74 10.99
CA ASN A 139 7.08 -18.38 11.20
C ASN A 139 8.14 -17.82 10.25
N TYR A 140 7.79 -17.66 8.98
CA TYR A 140 8.74 -17.09 8.03
C TYR A 140 9.00 -15.60 8.26
N LEU A 141 8.00 -14.89 8.78
CA LEU A 141 8.14 -13.47 9.03
C LEU A 141 9.09 -13.31 10.22
N HIS A 142 8.86 -14.15 11.21
CA HIS A 142 9.74 -14.17 12.38
C HIS A 142 11.15 -14.56 11.98
N ASP A 143 11.28 -15.43 10.97
CA ASP A 143 12.57 -15.91 10.50
C ASP A 143 13.32 -14.79 9.76
N PHE A 144 12.58 -13.94 9.05
CA PHE A 144 13.19 -12.80 8.40
C PHE A 144 13.66 -11.82 9.48
N LEU A 145 12.90 -11.70 10.57
CA LEU A 145 13.22 -10.73 11.64
C LEU A 145 14.48 -11.23 12.35
N LYS A 146 14.55 -12.55 12.54
CA LYS A 146 15.75 -13.20 13.04
C LYS A 146 16.94 -12.88 12.13
N TYR A 147 16.75 -12.97 10.81
CA TYR A 147 17.78 -12.48 9.87
C TYR A 147 18.20 -10.99 10.08
N LEU A 148 17.21 -10.11 10.28
CA LEU A 148 17.48 -8.68 10.54
C LEU A 148 18.28 -8.49 11.82
N ALA A 149 17.84 -9.14 12.92
CA ALA A 149 18.55 -9.10 14.21
C ALA A 149 19.99 -9.58 14.08
N LYS A 150 20.18 -10.75 13.45
CA LYS A 150 21.49 -11.30 13.16
C LYS A 150 22.43 -10.31 12.42
N ASN A 151 21.87 -9.42 11.62
CA ASN A 151 22.70 -8.52 10.84
C ASN A 151 22.53 -7.09 11.35
N SER A 152 22.01 -6.97 12.58
CA SER A 152 21.66 -5.64 13.02
C SER A 152 22.78 -4.58 12.94
N ALA A 153 24.01 -4.99 13.29
CA ALA A 153 25.14 -4.05 13.41
C ALA A 153 25.39 -3.35 12.07
N THR A 154 25.22 -4.14 11.00
CA THR A 154 25.37 -3.69 9.63
C THR A 154 24.12 -3.02 9.03
N LEU A 155 22.93 -3.31 9.56
CA LEU A 155 21.68 -2.85 8.90
C LEU A 155 21.08 -1.62 9.61
N PHE A 156 21.21 -1.54 10.93
CA PHE A 156 20.54 -0.46 11.66
C PHE A 156 21.56 0.40 12.35
N SER A 157 21.72 1.64 11.88
CA SER A 157 22.80 2.44 12.46
C SER A 157 22.43 3.90 12.39
N ALA A 158 22.58 4.62 13.50
CA ALA A 158 22.43 6.07 13.48
C ALA A 158 23.37 6.73 12.45
N SER A 159 24.43 6.05 12.03
CA SER A 159 25.37 6.64 11.04
C SER A 159 24.77 6.76 9.62
N ASP A 160 23.69 6.03 9.34
CA ASP A 160 22.95 6.20 8.08
C ASP A 160 21.99 7.39 8.10
N TYR A 161 22.07 8.22 9.14
CA TYR A 161 21.14 9.32 9.30
C TYR A 161 21.94 10.60 9.33
N GLU A 162 21.28 11.67 8.89
CA GLU A 162 21.87 13.00 8.89
C GLU A 162 20.89 14.05 9.41
N VAL A 163 21.38 15.02 10.17
CA VAL A 163 20.55 16.19 10.53
C VAL A 163 19.92 16.74 9.27
N ALA A 164 18.65 17.09 9.34
CA ALA A 164 17.99 17.72 8.19
C ALA A 164 18.38 19.20 8.10
N PRO A 165 18.61 19.70 6.87
CA PRO A 165 18.89 21.14 6.65
C PRO A 165 17.78 22.09 7.15
N PRO A 166 18.11 23.34 7.48
CA PRO A 166 17.08 24.31 7.92
C PRO A 166 15.99 24.51 6.87
N GLU A 167 16.31 24.25 5.61
CA GLU A 167 15.37 24.39 4.49
C GLU A 167 14.33 23.27 4.46
N TYR A 168 14.73 22.06 4.84
CA TYR A 168 13.80 20.95 4.95
C TYR A 168 12.72 21.27 6.00
N HIS A 169 13.14 21.88 7.11
CA HIS A 169 12.23 22.36 8.16
C HIS A 169 11.19 23.35 7.62
N ARG A 170 11.63 24.20 6.70
CA ARG A 170 10.75 25.18 6.10
C ARG A 170 9.74 24.50 5.17
N VAL B 6 -1.33 -11.94 -9.57
CA VAL B 6 -1.54 -13.43 -9.54
C VAL B 6 -2.90 -13.82 -10.15
N LYS B 7 -3.21 -13.27 -11.33
CA LYS B 7 -4.42 -13.65 -12.07
C LYS B 7 -5.71 -13.00 -11.55
N VAL B 8 -5.69 -11.69 -11.30
CA VAL B 8 -6.93 -10.91 -11.14
C VAL B 8 -7.25 -10.33 -12.50
N LYS B 9 -8.38 -10.75 -13.07
CA LYS B 9 -8.79 -10.31 -14.41
C LYS B 9 -9.80 -9.15 -14.36
N ILE B 10 -9.46 -8.05 -15.02
CA ILE B 10 -10.40 -6.93 -15.19
C ILE B 10 -11.36 -7.30 -16.28
N PRO B 11 -12.67 -7.26 -16.00
CA PRO B 11 -13.60 -7.54 -17.08
C PRO B 11 -13.23 -6.69 -18.27
N GLU B 12 -13.27 -7.33 -19.42
CA GLU B 12 -12.93 -6.69 -20.66
C GLU B 12 -13.74 -5.42 -20.89
N GLU B 13 -15.03 -5.43 -20.55
CA GLU B 13 -15.86 -4.26 -20.73
C GLU B 13 -15.47 -3.04 -19.87
N LEU B 14 -14.56 -3.20 -18.91
CA LEU B 14 -14.09 -2.13 -18.03
C LEU B 14 -12.74 -1.52 -18.46
N LYS B 15 -12.08 -2.14 -19.43
CA LYS B 15 -10.79 -1.60 -19.93
C LYS B 15 -10.89 -0.26 -20.62
N PRO B 16 -11.89 -0.05 -21.47
CA PRO B 16 -12.07 1.27 -22.06
C PRO B 16 -12.16 2.36 -20.98
N TRP B 17 -12.88 2.09 -19.91
CA TRP B 17 -13.05 3.02 -18.80
C TRP B 17 -11.71 3.30 -18.12
N LEU B 18 -10.86 2.27 -17.99
CA LEU B 18 -9.53 2.48 -17.42
C LEU B 18 -8.78 3.52 -18.25
N VAL B 19 -8.93 3.41 -19.56
CA VAL B 19 -8.31 4.37 -20.47
C VAL B 19 -8.98 5.72 -20.32
N ASP B 20 -10.31 5.76 -20.26
CA ASP B 20 -10.99 7.07 -20.12
C ASP B 20 -10.63 7.75 -18.83
N ASP B 21 -10.48 6.97 -17.79
CA ASP B 21 -10.15 7.53 -16.43
C ASP B 21 -8.75 8.18 -16.52
N TRP B 22 -7.81 7.45 -17.09
CA TRP B 22 -6.44 7.93 -17.29
C TRP B 22 -6.42 9.16 -18.18
N ASP B 23 -7.29 9.15 -19.20
CA ASP B 23 -7.30 10.27 -20.12
C ASP B 23 -7.84 11.55 -19.43
N LEU B 24 -8.98 11.42 -18.78
CA LEU B 24 -9.58 12.51 -18.03
C LEU B 24 -8.60 13.18 -17.06
N ILE B 25 -7.87 12.38 -16.28
CA ILE B 25 -6.93 12.91 -15.30
C ILE B 25 -5.64 13.42 -15.99
N THR B 26 -5.02 12.55 -16.74
CA THR B 26 -3.66 12.78 -17.25
C THR B 26 -3.58 13.69 -18.47
N ARG B 27 -4.55 13.58 -19.39
CA ARG B 27 -4.47 14.37 -20.60
C ARG B 27 -5.35 15.61 -20.50
N GLN B 28 -6.57 15.44 -20.02
CA GLN B 28 -7.54 16.52 -19.92
C GLN B 28 -7.41 17.34 -18.65
N LYS B 29 -6.59 16.88 -17.71
CA LYS B 29 -6.39 17.60 -16.44
C LYS B 29 -7.68 17.84 -15.70
N GLN B 30 -8.51 16.80 -15.65
CA GLN B 30 -9.68 16.87 -14.81
C GLN B 30 -9.30 16.18 -13.49
N LEU B 31 -10.20 16.23 -12.51
CA LEU B 31 -10.03 15.49 -11.29
C LEU B 31 -11.36 14.89 -10.96
N PHE B 32 -11.37 13.70 -10.37
CA PHE B 32 -12.61 13.16 -9.79
C PHE B 32 -13.19 14.15 -8.76
N TYR B 33 -14.48 14.39 -8.79
CA TYR B 33 -15.13 15.30 -7.86
C TYR B 33 -15.16 14.69 -6.44
N LEU B 34 -14.53 15.39 -5.47
CA LEU B 34 -14.28 14.84 -4.12
C LEU B 34 -14.76 15.85 -3.10
N PRO B 35 -15.25 15.44 -1.91
CA PRO B 35 -15.56 14.04 -1.53
C PRO B 35 -16.66 13.38 -2.38
N ALA B 36 -16.62 12.05 -2.48
CA ALA B 36 -17.36 11.32 -3.55
C ALA B 36 -18.87 11.27 -3.33
N LYS B 37 -19.63 11.40 -4.41
CA LYS B 37 -21.07 11.24 -4.34
C LYS B 37 -21.46 9.78 -4.08
N LYS B 38 -20.66 8.87 -4.60
CA LYS B 38 -20.84 7.46 -4.32
C LYS B 38 -19.46 6.91 -3.91
N ASN B 39 -19.22 6.88 -2.60
CA ASN B 39 -17.93 6.49 -2.10
C ASN B 39 -17.72 4.98 -2.08
N VAL B 40 -16.49 4.56 -1.96
CA VAL B 40 -16.12 3.14 -1.90
C VAL B 40 -16.88 2.40 -0.80
N ASP B 41 -16.99 3.02 0.39
CA ASP B 41 -17.74 2.44 1.48
C ASP B 41 -19.15 2.08 1.00
N SER B 42 -19.88 3.05 0.43
CA SER B 42 -21.24 2.74 -0.01
C SER B 42 -21.28 1.65 -1.09
N ILE B 43 -20.35 1.71 -2.06
CA ILE B 43 -20.27 0.68 -3.13
C ILE B 43 -20.04 -0.72 -2.54
N LEU B 44 -19.15 -0.83 -1.55
CA LEU B 44 -18.91 -2.13 -0.90
C LEU B 44 -20.15 -2.59 -0.10
N GLU B 45 -20.83 -1.64 0.54
CA GLU B 45 -22.03 -1.97 1.32
C GLU B 45 -23.13 -2.45 0.37
N ASP B 46 -23.30 -1.77 -0.77
CA ASP B 46 -24.25 -2.25 -1.80
C ASP B 46 -23.91 -3.67 -2.18
N TYR B 47 -22.64 -3.94 -2.40
CA TYR B 47 -22.26 -5.27 -2.88
C TYR B 47 -22.61 -6.32 -1.85
N ALA B 48 -22.21 -6.06 -0.61
CA ALA B 48 -22.44 -6.97 0.51
C ALA B 48 -23.96 -7.14 0.67
N ASN B 49 -24.71 -6.06 0.59
CA ASN B 49 -26.17 -6.22 0.69
C ASN B 49 -26.72 -7.07 -0.45
N TYR B 50 -26.25 -6.78 -1.67
CA TYR B 50 -26.62 -7.56 -2.83
C TYR B 50 -26.34 -9.05 -2.67
N LYS B 51 -25.13 -9.40 -2.20
CA LYS B 51 -24.80 -10.80 -1.99
C LYS B 51 -25.65 -11.45 -0.87
N LYS B 52 -26.02 -10.65 0.14
CA LYS B 52 -26.78 -11.12 1.30
C LYS B 52 -28.26 -11.21 1.00
N SER B 53 -28.66 -10.94 -0.26
CA SER B 53 -30.06 -10.98 -0.73
C SER B 53 -30.86 -12.22 -0.31
N ARG B 54 -30.25 -13.40 -0.41
CA ARG B 54 -30.87 -14.63 0.10
C ARG B 54 -30.29 -15.06 1.45
N TYR B 62 -16.18 -16.70 6.78
CA TYR B 62 -15.15 -16.54 5.76
C TYR B 62 -15.79 -16.18 4.41
N ALA B 63 -16.59 -15.10 4.38
CA ALA B 63 -17.43 -14.77 3.21
C ALA B 63 -17.38 -13.28 2.83
N VAL B 64 -18.53 -12.74 2.46
CA VAL B 64 -18.64 -11.40 1.89
C VAL B 64 -18.09 -10.30 2.78
N ASN B 65 -18.50 -10.34 4.04
CA ASN B 65 -18.02 -9.37 5.03
C ASN B 65 -16.50 -9.27 5.12
N GLU B 66 -15.84 -10.42 5.02
CA GLU B 66 -14.37 -10.53 4.95
C GLU B 66 -13.80 -9.92 3.67
N VAL B 67 -14.42 -10.21 2.53
CA VAL B 67 -13.93 -9.70 1.24
C VAL B 67 -13.98 -8.19 1.22
N VAL B 68 -15.11 -7.68 1.63
CA VAL B 68 -15.43 -6.26 1.60
C VAL B 68 -14.53 -5.52 2.59
N ALA B 69 -14.33 -6.12 3.76
CA ALA B 69 -13.47 -5.51 4.77
C ALA B 69 -12.03 -5.52 4.28
N GLY B 70 -11.62 -6.62 3.66
CA GLY B 70 -10.30 -6.73 3.08
C GLY B 70 -10.08 -5.74 1.95
N ILE B 71 -11.07 -5.56 1.08
CA ILE B 71 -10.93 -4.61 -0.04
C ILE B 71 -10.80 -3.20 0.47
N LYS B 72 -11.66 -2.85 1.42
CA LYS B 72 -11.59 -1.53 2.02
C LYS B 72 -10.25 -1.19 2.68
N GLU B 73 -9.66 -2.14 3.41
CA GLU B 73 -8.36 -1.89 4.06
C GLU B 73 -7.20 -1.73 3.07
N TYR B 74 -7.15 -2.59 2.07
CA TYR B 74 -6.10 -2.47 1.08
C TYR B 74 -6.31 -1.16 0.33
N PHE B 75 -7.58 -0.78 0.11
CA PHE B 75 -7.85 0.50 -0.55
C PHE B 75 -7.34 1.66 0.27
N ASN B 76 -7.69 1.62 1.57
CA ASN B 76 -7.31 2.67 2.53
C ASN B 76 -5.83 2.83 2.71
N VAL B 77 -5.09 1.76 2.47
CA VAL B 77 -3.62 1.81 2.50
C VAL B 77 -2.97 2.21 1.18
N MET B 78 -3.51 1.67 0.07
CA MET B 78 -2.86 1.78 -1.24
C MET B 78 -3.21 2.99 -2.03
N LEU B 79 -4.33 3.63 -1.66
CA LEU B 79 -4.78 4.79 -2.40
C LEU B 79 -3.66 5.78 -2.50
N GLY B 80 -3.13 6.23 -1.35
CA GLY B 80 -2.11 7.27 -1.31
C GLY B 80 -0.73 6.84 -1.83
N THR B 81 -0.48 5.54 -1.95
CA THR B 81 0.81 5.09 -2.47
C THR B 81 0.81 4.62 -3.94
N GLN B 82 -0.26 3.95 -4.35
CA GLN B 82 -0.28 3.29 -5.66
C GLN B 82 -1.35 3.74 -6.68
N LEU B 83 -2.48 4.29 -6.21
CA LEU B 83 -3.65 4.44 -7.06
C LEU B 83 -3.91 5.85 -7.53
N LEU B 84 -2.93 6.75 -7.38
CA LEU B 84 -3.07 8.12 -7.80
C LEU B 84 -2.12 8.40 -8.95
N TYR B 85 -2.60 9.11 -9.98
CA TYR B 85 -1.70 9.69 -11.01
C TYR B 85 -1.04 10.92 -10.43
N LYS B 86 0.08 11.31 -11.00
CA LYS B 86 0.83 12.44 -10.51
C LYS B 86 -0.03 13.66 -10.35
N PHE B 87 -0.88 13.96 -11.34
CA PHE B 87 -1.71 15.16 -11.32
C PHE B 87 -2.72 15.14 -10.15
N GLU B 88 -2.94 13.98 -9.55
CA GLU B 88 -3.93 13.88 -8.45
C GLU B 88 -3.34 14.09 -7.02
N ARG B 89 -2.03 14.17 -6.93
CA ARG B 89 -1.37 14.21 -5.62
C ARG B 89 -1.73 15.46 -4.81
N PRO B 90 -1.76 16.64 -5.41
CA PRO B 90 -2.23 17.82 -4.68
C PRO B 90 -3.63 17.70 -4.14
N GLN B 91 -4.56 17.23 -4.97
CA GLN B 91 -5.92 17.04 -4.53
C GLN B 91 -5.89 16.10 -3.34
N TYR B 92 -5.09 15.04 -3.40
CA TYR B 92 -5.03 14.07 -2.31
C TYR B 92 -4.46 14.72 -1.03
N ALA B 93 -3.43 15.54 -1.21
CA ALA B 93 -2.87 16.27 -0.06
C ALA B 93 -3.98 17.13 0.58
N GLU B 94 -4.79 17.79 -0.24
CA GLU B 94 -5.87 18.64 0.24
C GLU B 94 -6.87 17.85 1.08
N ILE B 95 -7.24 16.67 0.58
CA ILE B 95 -8.16 15.76 1.23
C ILE B 95 -7.71 15.41 2.64
N LEU B 96 -6.45 15.00 2.78
CA LEU B 96 -5.95 14.63 4.09
C LEU B 96 -6.04 15.83 5.04
N ALA B 97 -5.59 17.00 4.58
CA ALA B 97 -5.72 18.23 5.35
C ALA B 97 -7.16 18.71 5.65
N ASP B 98 -8.14 18.28 4.88
CA ASP B 98 -9.52 18.73 5.06
C ASP B 98 -10.32 17.70 5.84
N HIS B 99 -9.94 16.43 5.68
CA HIS B 99 -10.67 15.31 6.29
C HIS B 99 -9.66 14.31 6.87
N PRO B 100 -8.90 14.75 7.87
CA PRO B 100 -7.83 13.92 8.44
C PRO B 100 -8.35 12.71 9.20
N ASP B 101 -7.64 11.58 9.11
CA ASP B 101 -8.09 10.32 9.70
C ASP B 101 -9.40 9.73 9.11
N ALA B 102 -10.22 10.58 8.46
CA ALA B 102 -11.26 10.11 7.53
C ALA B 102 -10.65 9.15 6.49
N PRO B 103 -11.17 7.93 6.43
CA PRO B 103 -10.61 6.90 5.56
C PRO B 103 -10.85 7.27 4.06
N MET B 104 -9.91 6.88 3.21
CA MET B 104 -9.99 7.21 1.80
C MET B 104 -11.23 6.58 1.19
N SER B 105 -11.62 5.41 1.71
CA SER B 105 -12.79 4.70 1.19
C SER B 105 -14.07 5.49 1.46
N GLN B 106 -13.94 6.55 2.28
CA GLN B 106 -15.03 7.46 2.56
C GLN B 106 -14.99 8.65 1.63
N VAL B 107 -13.82 8.94 1.05
CA VAL B 107 -13.61 10.11 0.21
C VAL B 107 -13.71 9.77 -1.31
N TYR B 108 -12.99 8.73 -1.79
CA TYR B 108 -12.99 8.37 -3.19
C TYR B 108 -14.14 7.45 -3.60
N GLY B 109 -14.28 7.20 -4.91
CA GLY B 109 -15.36 6.39 -5.40
C GLY B 109 -14.89 5.29 -6.37
N ALA B 110 -15.80 4.90 -7.26
CA ALA B 110 -15.61 3.74 -8.10
C ALA B 110 -14.35 3.76 -8.97
N PRO B 111 -14.07 4.83 -9.68
CA PRO B 111 -12.88 4.81 -10.54
C PRO B 111 -11.61 4.43 -9.77
N HIS B 112 -11.38 5.02 -8.60
CA HIS B 112 -10.11 4.72 -7.86
C HIS B 112 -10.14 3.31 -7.28
N LEU B 113 -11.33 2.87 -6.93
CA LEU B 113 -11.59 1.49 -6.51
C LEU B 113 -11.18 0.50 -7.58
N LEU B 114 -11.60 0.77 -8.82
CA LEU B 114 -11.19 -0.07 -9.95
C LEU B 114 -9.72 -0.13 -10.09
N ARG B 115 -9.09 1.03 -9.97
CA ARG B 115 -7.63 1.08 -10.01
C ARG B 115 -6.95 0.13 -9.02
N LEU B 116 -7.60 -0.12 -7.89
CA LEU B 116 -7.07 -1.05 -6.89
C LEU B 116 -6.90 -2.42 -7.50
N PHE B 117 -7.90 -2.84 -8.27
CA PHE B 117 -7.93 -4.21 -8.80
C PHE B 117 -6.86 -4.45 -9.84
N VAL B 118 -6.42 -3.40 -10.48
CA VAL B 118 -5.27 -3.46 -11.37
C VAL B 118 -3.93 -3.63 -10.60
N ARG B 119 -3.90 -3.29 -9.32
CA ARG B 119 -2.68 -3.47 -8.54
C ARG B 119 -2.73 -4.52 -7.41
N ILE B 120 -3.91 -4.80 -6.89
CA ILE B 120 -4.10 -5.70 -5.75
C ILE B 120 -3.58 -7.11 -5.99
N GLY B 121 -3.47 -7.50 -7.26
CA GLY B 121 -3.01 -8.83 -7.64
C GLY B 121 -1.60 -9.13 -7.13
N ALA B 122 -0.99 -8.15 -6.49
CA ALA B 122 0.34 -8.31 -5.91
C ALA B 122 0.32 -8.64 -4.40
N MET B 123 -0.61 -8.05 -3.67
CA MET B 123 -0.82 -8.37 -2.25
C MET B 123 -1.00 -9.88 -2.07
N LEU B 124 -1.83 -10.45 -2.94
CA LEU B 124 -1.89 -11.88 -3.17
C LEU B 124 -0.50 -12.52 -3.41
N ALA B 125 0.45 -12.23 -2.52
CA ALA B 125 1.80 -12.79 -2.58
C ALA B 125 2.15 -13.66 -1.36
N TYR B 126 1.24 -13.72 -0.39
CA TYR B 126 1.32 -14.74 0.66
C TYR B 126 0.27 -15.82 0.46
N THR B 127 -0.88 -15.45 -0.09
CA THR B 127 -2.00 -16.40 -0.21
C THR B 127 -1.68 -17.68 -1.02
N PRO B 128 -0.83 -17.62 -2.06
CA PRO B 128 -0.36 -18.87 -2.71
C PRO B 128 0.29 -19.87 -1.73
N LEU B 129 0.38 -19.50 -0.45
CA LEU B 129 0.67 -20.47 0.63
C LEU B 129 -0.56 -21.35 0.88
N ASP B 130 -1.71 -20.84 0.45
CA ASP B 130 -2.97 -21.53 0.66
C ASP B 130 -3.76 -21.51 -0.66
N GLU B 131 -3.53 -22.52 -1.50
CA GLU B 131 -4.14 -22.61 -2.84
C GLU B 131 -5.68 -22.55 -2.82
N LYS B 132 -6.27 -23.19 -1.82
CA LYS B 132 -7.72 -23.26 -1.69
C LYS B 132 -8.34 -21.90 -1.31
N SER B 133 -7.76 -21.24 -0.30
CA SER B 133 -8.28 -19.94 0.16
C SER B 133 -8.14 -18.89 -0.95
N LEU B 134 -7.01 -18.93 -1.66
CA LEU B 134 -6.76 -18.12 -2.83
C LEU B 134 -7.91 -18.19 -3.86
N ALA B 135 -8.23 -19.43 -4.29
CA ALA B 135 -9.27 -19.69 -5.26
C ALA B 135 -10.54 -18.98 -4.85
N LEU B 136 -11.02 -19.24 -3.63
CA LEU B 136 -12.21 -18.62 -3.09
C LEU B 136 -12.19 -17.11 -3.09
N LEU B 137 -11.02 -16.51 -2.90
CA LEU B 137 -10.91 -15.07 -2.77
C LEU B 137 -10.98 -14.54 -4.18
N LEU B 138 -10.23 -15.17 -5.08
CA LEU B 138 -10.22 -14.82 -6.50
C LEU B 138 -11.63 -14.86 -7.07
N ASN B 139 -12.39 -15.90 -6.73
CA ASN B 139 -13.82 -15.96 -7.10
C ASN B 139 -14.63 -14.77 -6.58
N TYR B 140 -14.35 -14.32 -5.37
CA TYR B 140 -15.05 -13.19 -4.81
C TYR B 140 -14.66 -11.90 -5.50
N LEU B 141 -13.36 -11.74 -5.81
CA LEU B 141 -12.87 -10.50 -6.38
C LEU B 141 -13.35 -10.33 -7.81
N HIS B 142 -13.38 -11.45 -8.54
CA HIS B 142 -13.88 -11.50 -9.89
C HIS B 142 -15.37 -11.24 -9.90
N ASP B 143 -16.11 -11.87 -8.97
CA ASP B 143 -17.53 -11.61 -8.82
C ASP B 143 -17.80 -10.12 -8.58
N PHE B 144 -17.00 -9.53 -7.72
CA PHE B 144 -17.14 -8.10 -7.39
C PHE B 144 -16.81 -7.22 -8.62
N LEU B 145 -15.75 -7.58 -9.34
CA LEU B 145 -15.41 -6.88 -10.57
C LEU B 145 -16.56 -6.95 -11.61
N LYS B 146 -17.16 -8.14 -11.74
CA LYS B 146 -18.32 -8.34 -12.62
C LYS B 146 -19.52 -7.55 -12.11
N TYR B 147 -19.61 -7.37 -10.81
CA TYR B 147 -20.67 -6.54 -10.26
C TYR B 147 -20.42 -5.08 -10.67
N LEU B 148 -19.19 -4.60 -10.53
CA LEU B 148 -18.85 -3.27 -11.01
C LEU B 148 -19.10 -3.13 -12.53
N ALA B 149 -18.64 -4.11 -13.31
CA ALA B 149 -18.80 -4.09 -14.77
C ALA B 149 -20.25 -3.92 -15.16
N LYS B 150 -21.16 -4.75 -14.64
CA LYS B 150 -22.53 -4.67 -15.11
C LYS B 150 -23.23 -3.37 -14.63
N ASN B 151 -22.71 -2.78 -13.54
CA ASN B 151 -23.20 -1.51 -13.00
C ASN B 151 -22.39 -0.29 -13.49
N SER B 152 -21.61 -0.49 -14.55
CA SER B 152 -20.68 0.55 -15.02
C SER B 152 -21.35 1.88 -15.35
N ALA B 153 -22.63 1.82 -15.76
CA ALA B 153 -23.29 3.02 -16.25
C ALA B 153 -23.53 4.00 -15.12
N THR B 154 -23.68 3.50 -13.91
CA THR B 154 -23.76 4.39 -12.78
C THR B 154 -22.42 4.72 -12.10
N LEU B 155 -21.49 3.78 -12.15
CA LEU B 155 -20.30 3.83 -11.32
C LEU B 155 -19.20 4.59 -12.02
N PHE B 156 -19.07 4.41 -13.33
CA PHE B 156 -17.92 4.95 -14.05
C PHE B 156 -18.41 5.90 -15.09
N SER B 157 -18.17 7.20 -14.86
CA SER B 157 -18.68 8.17 -15.78
C SER B 157 -17.92 9.47 -15.68
N ALA B 158 -17.73 10.11 -16.84
CA ALA B 158 -17.11 11.43 -16.97
C ALA B 158 -17.88 12.53 -16.25
N SER B 159 -19.13 12.24 -15.89
CA SER B 159 -19.94 13.18 -15.12
C SER B 159 -19.46 13.40 -13.67
N ASP B 160 -18.61 12.50 -13.21
CA ASP B 160 -18.03 12.58 -11.88
C ASP B 160 -16.69 13.25 -11.90
N TYR B 161 -16.31 13.80 -13.04
CA TYR B 161 -15.05 14.51 -13.11
C TYR B 161 -15.27 15.96 -13.44
N GLU B 162 -14.30 16.77 -13.06
CA GLU B 162 -14.36 18.19 -13.40
C GLU B 162 -12.96 18.68 -13.73
N VAL B 163 -12.85 19.41 -14.83
CA VAL B 163 -11.60 20.11 -15.16
C VAL B 163 -11.06 20.86 -13.93
N ALA B 164 -9.78 20.72 -13.67
CA ALA B 164 -9.18 21.40 -12.54
C ALA B 164 -8.97 22.83 -12.95
N PRO B 165 -9.28 23.77 -12.06
CA PRO B 165 -9.14 25.20 -12.33
C PRO B 165 -7.65 25.61 -12.35
N PRO B 166 -7.36 26.80 -12.89
CA PRO B 166 -5.99 27.31 -12.99
C PRO B 166 -5.24 27.38 -11.66
N GLU B 167 -5.95 27.53 -10.54
CA GLU B 167 -5.34 27.60 -9.21
C GLU B 167 -4.76 26.26 -8.80
N TYR B 168 -5.40 25.19 -9.27
CA TYR B 168 -4.94 23.83 -8.95
C TYR B 168 -3.61 23.58 -9.59
N HIS B 169 -3.44 24.03 -10.83
CA HIS B 169 -2.21 23.81 -11.58
C HIS B 169 -1.03 24.56 -10.98
N ARG B 170 -1.31 25.75 -10.45
CA ARG B 170 -0.30 26.67 -9.95
C ARG B 170 0.72 26.00 -9.04
N LYS B 171 0.29 25.62 -7.83
CA LYS B 171 1.14 24.94 -6.84
C LYS B 171 2.66 25.24 -6.97
#